data_9OPS
#
_entry.id   9OPS
#
_cell.length_a   97.336
_cell.length_b   97.336
_cell.length_c   117.723
_cell.angle_alpha   90.00
_cell.angle_beta   90.00
_cell.angle_gamma   120.00
#
_symmetry.space_group_name_H-M   'P 32 2 1'
#
loop_
_entity.id
_entity.type
_entity.pdbx_description
1 polymer '(-)-limonene synthase TPS1, chloroplastic'
2 water water
#
_entity_poly.entity_id   1
_entity_poly.type   'polypeptide(L)'
_entity_poly.pdbx_seq_one_letter_code
;MGSSHHHHHHSSGLVPRGSHMRRSANYGPPIWSFDFVQSLPIQYKGESYTSRLNKLEKDVKRMLIGVENSLAQLELIDTI
QRLGISYRFENEIISILKEKFTNNNDNPNPNYDLYATALQFRLLRQYGFEVPQEIFNNFKNHKTGEFKANISNDIMGALG
LYEASFHGKKGESILEEARIFTTKCLKKYKLMSSSNNNNMTLISLLVNHALEMPLQWRITRSEAKWFIEEIYERKQDMNP
TLLEFAKLDFNMLQSTYQEELKVLSRWWKDSKLGEKLPFVRDRLVECFLWQVGVRFEPQFSYFRIMDTKLYVLLTIIDDM
HDIYGTLEELQLFTNALQRWDLKELDKLPDYMKTAFYFTYNFTNELAFDVLQEHGFVHIEYFKKLMVELCKHHLQEAKWF
YSGYKPTLQEYVENGWLSVGGQVILMHAYFAFTNPVTKEALECLKDGHPNIVRHASIILRLADDLGTLSDELKRGDVPKS
IQCYMHDTGASEDEAREHIKYLISESWKEMNNEDGNINSFFSNEFVQVCQNLGRASQFIYQYGDGHASQNNLSKERVLGL
IITPIPM
;
_entity_poly.pdbx_strand_id   A
#
# COMPACT_ATOMS: atom_id res chain seq x y z
N PRO A 30 5.73 9.70 -23.86
CA PRO A 30 5.73 10.23 -22.50
C PRO A 30 7.13 10.28 -21.87
N ILE A 31 7.18 10.56 -20.57
CA ILE A 31 8.46 10.77 -19.89
C ILE A 31 9.25 9.46 -19.88
N TRP A 32 8.57 8.34 -19.70
CA TRP A 32 9.19 7.01 -19.79
C TRP A 32 8.80 6.43 -21.15
N SER A 33 9.60 6.77 -22.17
CA SER A 33 9.30 6.36 -23.53
C SER A 33 9.46 4.85 -23.69
N PHE A 34 8.92 4.34 -24.80
CA PHE A 34 8.92 2.90 -25.05
C PHE A 34 10.34 2.38 -25.29
N ASP A 35 11.10 3.07 -26.16
CA ASP A 35 12.46 2.62 -26.46
C ASP A 35 13.36 2.71 -25.24
N PHE A 36 13.15 3.71 -24.38
CA PHE A 36 13.95 3.81 -23.16
C PHE A 36 13.65 2.66 -22.21
N VAL A 37 12.38 2.26 -22.10
CA VAL A 37 12.03 1.11 -21.27
C VAL A 37 12.64 -0.17 -21.86
N GLN A 38 12.53 -0.34 -23.18
CA GLN A 38 13.05 -1.55 -23.81
C GLN A 38 14.57 -1.62 -23.76
N SER A 39 15.24 -0.47 -23.67
CA SER A 39 16.70 -0.44 -23.71
C SER A 39 17.35 -0.67 -22.35
N LEU A 40 16.57 -0.70 -21.27
CA LEU A 40 17.12 -0.79 -19.92
C LEU A 40 18.00 -2.03 -19.76
N PRO A 41 19.30 -1.84 -19.55
CA PRO A 41 20.19 -3.00 -19.37
C PRO A 41 19.95 -3.73 -18.06
N ILE A 42 19.31 -4.89 -18.13
CA ILE A 42 19.05 -5.72 -16.95
C ILE A 42 20.36 -6.33 -16.50
N GLN A 43 20.97 -5.73 -15.46
CA GLN A 43 22.31 -6.13 -15.03
C GLN A 43 22.27 -7.28 -14.03
N TYR A 44 21.57 -7.10 -12.91
CA TYR A 44 21.60 -8.05 -11.81
C TYR A 44 20.75 -9.28 -12.16
N LYS A 45 21.24 -10.04 -13.13
CA LYS A 45 20.63 -11.30 -13.53
C LYS A 45 21.73 -12.24 -14.02
N GLY A 46 21.73 -13.45 -13.52
CA GLY A 46 22.72 -14.44 -13.91
C GLY A 46 22.90 -15.47 -12.83
N GLU A 47 23.71 -16.48 -13.17
CA GLU A 47 23.99 -17.55 -12.21
C GLU A 47 24.82 -17.05 -11.04
N SER A 48 25.79 -16.17 -11.30
CA SER A 48 26.64 -15.66 -10.24
C SER A 48 25.83 -14.84 -9.24
N TYR A 49 24.91 -14.02 -9.72
CA TYR A 49 24.08 -13.22 -8.81
C TYR A 49 23.22 -14.12 -7.93
N THR A 50 22.61 -15.15 -8.51
CA THR A 50 21.76 -16.05 -7.72
C THR A 50 22.59 -16.85 -6.71
N SER A 51 23.79 -17.27 -7.11
CA SER A 51 24.66 -18.00 -6.18
C SER A 51 25.06 -17.12 -5.01
N ARG A 52 25.47 -15.88 -5.30
CA ARG A 52 25.80 -14.94 -4.23
C ARG A 52 24.60 -14.68 -3.34
N LEU A 53 23.41 -14.58 -3.93
CA LEU A 53 22.20 -14.36 -3.15
C LEU A 53 21.93 -15.53 -2.20
N ASN A 54 22.06 -16.76 -2.71
CA ASN A 54 21.83 -17.94 -1.86
C ASN A 54 22.85 -18.01 -0.74
N LYS A 55 24.12 -17.75 -1.04
CA LYS A 55 25.16 -17.80 -0.02
C LYS A 55 24.91 -16.75 1.06
N LEU A 56 24.62 -15.52 0.64
CA LEU A 56 24.37 -14.45 1.60
C LEU A 56 23.10 -14.70 2.39
N GLU A 57 22.08 -15.32 1.78
CA GLU A 57 20.86 -15.63 2.50
C GLU A 57 21.11 -16.68 3.58
N LYS A 58 21.88 -17.72 3.24
CA LYS A 58 22.24 -18.71 4.25
C LYS A 58 23.03 -18.07 5.39
N ASP A 59 23.99 -17.20 5.04
CA ASP A 59 24.79 -16.53 6.06
C ASP A 59 23.93 -15.67 6.98
N VAL A 60 23.01 -14.89 6.39
CA VAL A 60 22.17 -14.01 7.18
C VAL A 60 21.21 -14.82 8.05
N LYS A 61 20.70 -15.95 7.53
CA LYS A 61 19.81 -16.78 8.32
C LYS A 61 20.53 -17.37 9.53
N ARG A 62 21.73 -17.94 9.31
CA ARG A 62 22.47 -18.50 10.43
C ARG A 62 22.98 -17.44 11.37
N MET A 63 23.15 -16.20 10.90
CA MET A 63 23.48 -15.09 11.80
C MET A 63 22.27 -14.70 12.63
N LEU A 64 21.08 -14.71 12.02
CA LEU A 64 19.87 -14.34 12.74
C LEU A 64 19.55 -15.34 13.85
N ILE A 65 19.49 -16.63 13.49
CA ILE A 65 19.18 -17.64 14.50
C ILE A 65 20.33 -17.81 15.49
N GLY A 66 21.54 -17.42 15.10
CA GLY A 66 22.70 -17.55 15.96
C GLY A 66 22.91 -16.47 16.98
N VAL A 67 21.97 -15.52 17.11
CA VAL A 67 22.10 -14.46 18.09
C VAL A 67 21.85 -15.03 19.49
N GLU A 68 22.77 -14.76 20.41
CA GLU A 68 22.66 -15.25 21.78
C GLU A 68 21.88 -14.30 22.69
N ASN A 69 22.02 -13.00 22.48
CA ASN A 69 21.28 -12.03 23.27
C ASN A 69 19.84 -11.96 22.77
N SER A 70 18.89 -12.08 23.70
CA SER A 70 17.49 -12.08 23.31
C SER A 70 17.04 -10.72 22.77
N LEU A 71 17.61 -9.63 23.29
CA LEU A 71 17.28 -8.29 22.81
C LEU A 71 17.94 -7.99 21.47
N ALA A 72 19.21 -8.38 21.32
CA ALA A 72 19.90 -8.18 20.04
C ALA A 72 19.22 -8.97 18.93
N GLN A 73 18.57 -10.08 19.27
CA GLN A 73 17.82 -10.82 18.25
C GLN A 73 16.63 -10.02 17.76
N LEU A 74 15.88 -9.40 18.67
CA LEU A 74 14.80 -8.50 18.27
C LEU A 74 15.33 -7.35 17.43
N GLU A 75 16.47 -6.78 17.82
CA GLU A 75 17.06 -5.68 17.05
C GLU A 75 17.43 -6.12 15.65
N LEU A 76 18.03 -7.31 15.52
CA LEU A 76 18.40 -7.81 14.20
C LEU A 76 17.18 -8.12 13.36
N ILE A 77 16.12 -8.64 13.97
CA ILE A 77 14.88 -8.88 13.25
C ILE A 77 14.31 -7.56 12.73
N ASP A 78 14.31 -6.53 13.57
CA ASP A 78 13.81 -5.22 13.14
C ASP A 78 14.66 -4.66 12.01
N THR A 79 15.98 -4.84 12.09
CA THR A 79 16.86 -4.37 11.02
C THR A 79 16.56 -5.08 9.71
N ILE A 80 16.40 -6.41 9.77
CA ILE A 80 16.09 -7.18 8.57
C ILE A 80 14.75 -6.75 8.00
N GLN A 81 13.79 -6.43 8.87
CA GLN A 81 12.50 -5.94 8.40
C GLN A 81 12.63 -4.60 7.68
N ARG A 82 13.39 -3.67 8.27
CA ARG A 82 13.58 -2.37 7.64
C ARG A 82 14.44 -2.46 6.39
N LEU A 83 15.28 -3.49 6.28
CA LEU A 83 16.08 -3.70 5.07
C LEU A 83 15.26 -4.31 3.93
N GLY A 84 14.03 -4.73 4.19
CA GLY A 84 13.17 -5.28 3.15
C GLY A 84 13.41 -6.73 2.81
N ILE A 85 14.26 -7.43 3.55
CA ILE A 85 14.61 -8.81 3.27
C ILE A 85 13.94 -9.78 4.25
N SER A 86 13.06 -9.27 5.12
CA SER A 86 12.41 -10.13 6.10
C SER A 86 11.40 -11.09 5.49
N TYR A 87 11.01 -10.87 4.23
CA TYR A 87 10.08 -11.79 3.58
C TYR A 87 10.71 -13.14 3.30
N ARG A 88 12.05 -13.24 3.33
CA ARG A 88 12.70 -14.52 3.08
C ARG A 88 12.81 -15.34 4.36
N PHE A 89 13.08 -14.68 5.49
CA PHE A 89 13.26 -15.35 6.77
C PHE A 89 11.98 -15.33 7.59
N GLU A 90 10.83 -15.60 6.97
CA GLU A 90 9.55 -15.47 7.67
C GLU A 90 9.41 -16.53 8.76
N ASN A 91 9.53 -17.81 8.38
CA ASN A 91 9.29 -18.89 9.34
C ASN A 91 10.30 -18.90 10.47
N GLU A 92 11.55 -18.51 10.20
CA GLU A 92 12.56 -18.44 11.25
C GLU A 92 12.19 -17.39 12.30
N ILE A 93 11.79 -16.20 11.83
CA ILE A 93 11.36 -15.15 12.76
C ILE A 93 10.10 -15.58 13.51
N ILE A 94 9.20 -16.29 12.82
CA ILE A 94 7.98 -16.76 13.48
C ILE A 94 8.32 -17.75 14.59
N SER A 95 9.27 -18.65 14.33
CA SER A 95 9.69 -19.59 15.37
C SER A 95 10.35 -18.86 16.53
N ILE A 96 11.23 -17.90 16.23
CA ILE A 96 11.91 -17.15 17.29
C ILE A 96 10.89 -16.42 18.16
N LEU A 97 9.87 -15.82 17.54
CA LEU A 97 8.85 -15.07 18.28
C LEU A 97 7.91 -16.00 19.03
N LYS A 98 7.68 -17.21 18.51
CA LYS A 98 6.94 -18.21 19.28
C LYS A 98 7.72 -18.61 20.52
N GLU A 99 9.03 -18.76 20.39
CA GLU A 99 9.87 -19.00 21.56
C GLU A 99 9.86 -17.80 22.50
N LYS A 100 9.84 -16.59 21.94
CA LYS A 100 9.74 -15.39 22.75
C LYS A 100 8.29 -15.15 23.18
N PHE A 101 7.68 -16.14 23.81
CA PHE A 101 6.29 -16.05 24.21
C PHE A 101 6.01 -16.94 25.43
N TYR A 112 13.23 -4.85 31.88
CA TYR A 112 12.85 -4.34 30.57
C TYR A 112 12.53 -2.84 30.62
N ASP A 113 13.05 -2.10 29.64
CA ASP A 113 12.79 -0.67 29.54
C ASP A 113 11.64 -0.43 28.56
N LEU A 114 11.49 0.81 28.12
CA LEU A 114 10.39 1.15 27.22
C LEU A 114 10.70 0.79 25.77
N TYR A 115 11.95 1.00 25.34
CA TYR A 115 12.31 0.72 23.95
C TYR A 115 12.17 -0.76 23.63
N ALA A 116 12.73 -1.62 24.49
CA ALA A 116 12.63 -3.06 24.27
C ALA A 116 11.19 -3.53 24.34
N THR A 117 10.42 -3.03 25.31
CA THR A 117 9.02 -3.41 25.42
C THR A 117 8.25 -3.04 24.16
N ALA A 118 8.46 -1.83 23.65
CA ALA A 118 7.77 -1.38 22.45
C ALA A 118 8.18 -2.20 21.23
N LEU A 119 9.48 -2.49 21.09
CA LEU A 119 9.94 -3.28 19.95
C LEU A 119 9.35 -4.68 19.98
N GLN A 120 9.40 -5.34 21.14
CA GLN A 120 8.86 -6.68 21.28
C GLN A 120 7.36 -6.68 21.03
N PHE A 121 6.65 -5.70 21.57
CA PHE A 121 5.21 -5.59 21.33
C PHE A 121 4.91 -5.44 19.84
N ARG A 122 5.65 -4.56 19.17
CA ARG A 122 5.41 -4.34 17.75
C ARG A 122 5.65 -5.61 16.94
N LEU A 123 6.73 -6.34 17.24
CA LEU A 123 7.00 -7.57 16.51
C LEU A 123 5.92 -8.62 16.77
N LEU A 124 5.58 -8.85 18.03
CA LEU A 124 4.55 -9.84 18.36
C LEU A 124 3.23 -9.52 17.66
N ARG A 125 2.78 -8.25 17.77
CA ARG A 125 1.53 -7.88 17.13
C ARG A 125 1.64 -7.87 15.61
N GLN A 126 2.86 -7.71 15.08
CA GLN A 126 3.08 -7.72 13.64
C GLN A 126 3.00 -9.12 13.06
N TYR A 127 3.37 -10.15 13.83
CA TYR A 127 3.26 -11.52 13.37
C TYR A 127 2.01 -12.23 13.90
N GLY A 128 0.94 -11.48 14.16
CA GLY A 128 -0.33 -12.08 14.51
C GLY A 128 -0.38 -12.75 15.86
N PHE A 129 0.55 -12.42 16.75
CA PHE A 129 0.54 -12.97 18.11
C PHE A 129 -0.22 -12.01 19.03
N GLU A 130 -1.13 -12.54 19.83
CA GLU A 130 -1.97 -11.72 20.68
C GLU A 130 -1.17 -11.20 21.88
N VAL A 131 -1.19 -9.88 22.06
CA VAL A 131 -0.53 -9.23 23.18
C VAL A 131 -1.23 -7.90 23.41
N PRO A 132 -1.99 -7.73 24.50
CA PRO A 132 -2.87 -6.56 24.63
C PRO A 132 -2.11 -5.26 24.87
N GLN A 133 -2.83 -4.13 24.89
CA GLN A 133 -2.22 -2.84 25.18
C GLN A 133 -1.84 -2.69 26.65
N GLU A 134 -2.46 -3.48 27.52
CA GLU A 134 -2.34 -3.28 28.97
C GLU A 134 -0.90 -3.37 29.45
N ILE A 135 -0.02 -4.01 28.68
CA ILE A 135 1.40 -4.09 29.05
C ILE A 135 1.97 -2.69 29.21
N PHE A 136 1.66 -1.81 28.26
CA PHE A 136 2.20 -0.45 28.33
C PHE A 136 1.66 0.32 29.53
N ASN A 137 0.67 -0.22 30.24
CA ASN A 137 0.26 0.35 31.52
C ASN A 137 1.41 0.42 32.51
N ASN A 138 2.49 -0.33 32.27
CA ASN A 138 3.66 -0.23 33.14
C ASN A 138 4.41 1.08 32.98
N PHE A 139 3.99 1.95 32.05
CA PHE A 139 4.67 3.22 31.81
C PHE A 139 3.76 4.43 31.95
N LYS A 140 2.51 4.23 32.38
CA LYS A 140 1.56 5.32 32.56
C LYS A 140 1.50 5.70 34.03
N ASN A 141 1.62 6.99 34.31
CA ASN A 141 1.44 7.52 35.67
C ASN A 141 -0.05 7.54 35.95
N HIS A 142 -0.56 6.44 36.50
CA HIS A 142 -1.99 6.32 36.73
C HIS A 142 -2.51 7.22 37.84
N LYS A 143 -1.66 8.12 38.36
CA LYS A 143 -2.17 9.24 39.15
C LYS A 143 -2.87 10.25 38.25
N THR A 144 -2.43 10.36 37.00
CA THR A 144 -3.04 11.23 36.00
C THR A 144 -3.53 10.48 34.78
N GLY A 145 -3.20 9.20 34.63
CA GLY A 145 -3.63 8.44 33.47
C GLY A 145 -2.86 8.72 32.20
N GLU A 146 -1.68 9.34 32.30
CA GLU A 146 -0.88 9.68 31.15
C GLU A 146 0.55 9.20 31.35
N PHE A 147 1.25 9.00 30.23
CA PHE A 147 2.61 8.48 30.29
C PHE A 147 3.56 9.48 30.94
N LYS A 148 4.63 8.95 31.52
CA LYS A 148 5.54 9.77 32.30
C LYS A 148 6.23 10.82 31.44
N ALA A 149 6.64 11.92 32.07
CA ALA A 149 7.33 12.97 31.33
C ALA A 149 8.78 12.59 31.04
N ASN A 150 9.37 11.74 31.87
CA ASN A 150 10.74 11.27 31.64
C ASN A 150 10.88 10.48 30.34
N ILE A 151 9.77 10.05 29.74
CA ILE A 151 9.81 9.45 28.41
C ILE A 151 10.43 10.41 27.41
N SER A 152 10.21 11.72 27.60
CA SER A 152 10.80 12.72 26.72
C SER A 152 12.32 12.70 26.77
N ASN A 153 12.92 12.12 27.82
CA ASN A 153 14.37 12.00 27.87
C ASN A 153 14.86 10.78 27.09
N ASP A 154 14.02 9.76 26.94
CA ASP A 154 14.37 8.55 26.20
C ASP A 154 13.76 8.69 24.80
N ILE A 155 14.51 9.29 23.89
CA ILE A 155 14.03 9.45 22.52
C ILE A 155 13.91 8.10 21.84
N MET A 156 14.76 7.13 22.20
CA MET A 156 14.68 5.80 21.61
C MET A 156 13.38 5.10 22.01
N GLY A 157 13.08 5.10 23.31
CA GLY A 157 11.85 4.48 23.76
C GLY A 157 10.61 5.19 23.26
N ALA A 158 10.66 6.52 23.19
CA ALA A 158 9.54 7.27 22.64
C ALA A 158 9.32 6.93 21.17
N LEU A 159 10.40 6.82 20.40
CA LEU A 159 10.27 6.45 18.99
C LEU A 159 9.75 5.04 18.84
N GLY A 160 10.20 4.11 19.67
CA GLY A 160 9.69 2.75 19.62
C GLY A 160 8.21 2.68 19.94
N LEU A 161 7.77 3.43 20.96
CA LEU A 161 6.36 3.46 21.30
C LEU A 161 5.54 4.10 20.20
N TYR A 162 6.07 5.14 19.57
CA TYR A 162 5.40 5.76 18.43
C TYR A 162 5.22 4.76 17.29
N GLU A 163 6.26 3.99 17.00
CA GLU A 163 6.16 3.00 15.93
C GLU A 163 5.17 1.90 16.30
N ALA A 164 5.14 1.50 17.56
CA ALA A 164 4.25 0.42 17.99
C ALA A 164 2.79 0.86 18.11
N SER A 165 2.54 2.16 18.27
CA SER A 165 1.18 2.64 18.47
C SER A 165 0.29 2.46 17.25
N PHE A 166 0.86 2.34 16.05
CA PHE A 166 0.06 2.25 14.84
C PHE A 166 -0.44 0.84 14.55
N HIS A 167 0.01 -0.17 15.30
CA HIS A 167 -0.49 -1.53 15.17
C HIS A 167 -1.71 -1.81 16.04
N GLY A 168 -2.27 -0.78 16.68
CA GLY A 168 -3.39 -0.98 17.56
C GLY A 168 -4.71 -1.14 16.82
N LYS A 169 -5.66 -1.74 17.51
CA LYS A 169 -6.99 -2.00 16.99
C LYS A 169 -8.00 -1.06 17.64
N LYS A 170 -9.22 -1.05 17.10
CA LYS A 170 -10.28 -0.22 17.67
C LYS A 170 -10.65 -0.72 19.05
N GLY A 171 -10.90 0.22 19.95
CA GLY A 171 -11.17 -0.07 21.35
C GLY A 171 -9.96 0.03 22.24
N GLU A 172 -8.76 -0.15 21.68
CA GLU A 172 -7.53 -0.02 22.44
C GLU A 172 -7.19 1.47 22.55
N SER A 173 -7.55 2.07 23.68
CA SER A 173 -7.37 3.51 23.85
C SER A 173 -5.98 3.86 24.36
N ILE A 174 -5.35 2.95 25.10
CA ILE A 174 -4.02 3.22 25.64
C ILE A 174 -3.02 3.41 24.49
N LEU A 175 -3.16 2.61 23.43
CA LEU A 175 -2.31 2.80 22.26
C LEU A 175 -2.59 4.10 21.54
N GLU A 176 -3.84 4.56 21.52
CA GLU A 176 -4.16 5.84 20.90
C GLU A 176 -3.51 6.99 21.67
N GLU A 177 -3.67 6.99 23.00
CA GLU A 177 -3.02 8.04 23.79
C GLU A 177 -1.51 7.95 23.72
N ALA A 178 -0.97 6.73 23.58
CA ALA A 178 0.48 6.58 23.40
C ALA A 178 0.93 7.19 22.08
N ARG A 179 0.13 6.98 21.02
CA ARG A 179 0.43 7.60 19.73
C ARG A 179 0.45 9.12 19.86
N ILE A 180 -0.56 9.69 20.51
CA ILE A 180 -0.62 11.14 20.68
C ILE A 180 0.61 11.64 21.46
N PHE A 181 0.87 11.02 22.61
CA PHE A 181 1.97 11.45 23.46
C PHE A 181 3.32 11.32 22.76
N THR A 182 3.51 10.24 21.98
CA THR A 182 4.79 10.05 21.33
C THR A 182 4.98 10.99 20.15
N THR A 183 3.91 11.32 19.43
CA THR A 183 4.01 12.37 18.42
C THR A 183 4.42 13.69 19.05
N LYS A 184 3.78 14.04 20.17
CA LYS A 184 4.13 15.26 20.88
C LYS A 184 5.57 15.23 21.37
N CYS A 185 6.09 14.05 21.71
CA CYS A 185 7.47 13.94 22.15
C CYS A 185 8.44 14.08 20.98
N LEU A 186 8.12 13.48 19.83
CA LEU A 186 9.01 13.55 18.68
C LEU A 186 9.10 14.96 18.11
N LYS A 187 7.99 15.71 18.12
CA LYS A 187 8.07 17.09 17.66
C LYS A 187 9.01 17.93 18.53
N LYS A 188 9.12 17.59 19.82
CA LYS A 188 10.09 18.26 20.67
C LYS A 188 11.52 17.97 20.22
N TYR A 189 11.82 16.71 19.93
CA TYR A 189 13.15 16.38 19.42
C TYR A 189 13.42 17.10 18.10
N LYS A 190 12.37 17.32 17.30
CA LYS A 190 12.54 18.09 16.07
C LYS A 190 12.93 19.52 16.37
N LEU A 191 12.15 20.21 17.19
CA LEU A 191 12.44 21.62 17.48
C LEU A 191 13.69 21.79 18.34
N MET A 192 14.20 20.71 18.93
CA MET A 192 15.31 20.79 19.87
C MET A 192 16.64 20.37 19.27
N SER A 193 16.64 19.43 18.33
CA SER A 193 17.85 18.91 17.69
C SER A 193 18.15 19.57 16.35
N SER A 194 17.20 19.44 15.42
CA SER A 194 17.44 19.93 14.05
C SER A 194 17.70 21.45 14.10
N SER A 195 17.31 22.08 15.20
CA SER A 195 17.47 23.55 15.31
C SER A 195 18.86 23.86 15.88
N ASN A 196 19.45 22.90 16.58
CA ASN A 196 20.84 23.11 17.06
C ASN A 196 21.67 23.39 15.83
N ASN A 197 21.60 22.47 14.87
CA ASN A 197 22.36 22.64 13.61
C ASN A 197 21.87 21.59 12.60
N ASN A 198 22.61 21.46 11.50
CA ASN A 198 22.34 20.36 10.55
C ASN A 198 23.09 19.18 11.16
N ASN A 199 23.15 19.07 12.49
CA ASN A 199 23.72 17.84 13.12
C ASN A 199 22.50 16.92 13.19
N MET A 200 21.91 16.60 12.03
CA MET A 200 20.79 15.64 12.01
C MET A 200 21.39 14.26 12.28
N THR A 201 21.44 13.87 13.54
CA THR A 201 22.04 12.59 13.91
C THR A 201 21.19 11.51 13.32
N LEU A 202 21.74 10.31 13.23
CA LEU A 202 20.92 9.19 12.78
C LEU A 202 19.63 9.08 13.56
N ILE A 203 19.66 9.42 14.85
CA ILE A 203 18.43 9.48 15.65
C ILE A 203 17.51 10.55 15.10
N SER A 204 18.05 11.72 14.75
CA SER A 204 17.22 12.79 14.20
C SER A 204 16.67 12.41 12.84
N LEU A 205 17.47 11.70 12.03
CA LEU A 205 16.98 11.22 10.74
C LEU A 205 15.82 10.25 10.93
N LEU A 206 15.95 9.32 11.89
CA LEU A 206 14.86 8.38 12.16
C LEU A 206 13.63 9.09 12.68
N VAL A 207 13.81 10.13 13.50
CA VAL A 207 12.68 10.89 14.02
C VAL A 207 11.96 11.61 12.89
N ASN A 208 12.71 12.25 11.98
CA ASN A 208 12.12 12.86 10.80
C ASN A 208 11.35 11.83 9.98
N HIS A 209 11.97 10.67 9.75
CA HIS A 209 11.35 9.64 8.93
C HIS A 209 10.06 9.14 9.55
N ALA A 210 10.04 8.99 10.87
CA ALA A 210 8.84 8.50 11.55
C ALA A 210 7.75 9.57 11.57
N LEU A 211 8.11 10.83 11.78
CA LEU A 211 7.12 11.90 11.74
C LEU A 211 6.54 12.06 10.34
N GLU A 212 7.33 11.76 9.32
CA GLU A 212 6.82 11.82 7.95
C GLU A 212 5.78 10.72 7.71
N MET A 213 6.08 9.49 8.16
CA MET A 213 5.16 8.36 8.07
C MET A 213 5.71 7.20 8.90
N PRO A 214 4.87 6.54 9.69
CA PRO A 214 5.35 5.41 10.49
C PRO A 214 5.72 4.21 9.64
N LEU A 215 6.48 3.30 10.25
CA LEU A 215 6.94 2.11 9.55
C LEU A 215 5.76 1.19 9.17
N GLN A 216 4.72 1.17 10.00
CA GLN A 216 3.54 0.37 9.68
C GLN A 216 2.89 0.81 8.37
N TRP A 217 2.97 2.10 8.06
CA TRP A 217 2.30 2.67 6.90
C TRP A 217 3.18 2.75 5.67
N ARG A 218 4.48 2.57 5.81
CA ARG A 218 5.39 2.65 4.67
C ARG A 218 5.49 1.30 3.97
N ILE A 219 5.73 1.35 2.66
CA ILE A 219 5.87 0.14 1.86
C ILE A 219 7.26 -0.44 2.07
N THR A 220 7.53 -1.59 1.48
CA THR A 220 8.77 -2.31 1.77
C THR A 220 9.95 -1.77 0.98
N ARG A 221 9.76 -1.48 -0.32
CA ARG A 221 10.88 -1.13 -1.18
C ARG A 221 11.44 0.25 -0.82
N SER A 222 10.56 1.24 -0.61
CA SER A 222 11.04 2.58 -0.29
C SER A 222 11.79 2.61 1.04
N GLU A 223 11.20 2.00 2.07
CA GLU A 223 11.87 1.94 3.37
C GLU A 223 13.16 1.15 3.28
N ALA A 224 13.19 0.09 2.46
CA ALA A 224 14.40 -0.68 2.30
C ALA A 224 15.52 0.17 1.70
N LYS A 225 15.22 0.86 0.60
CA LYS A 225 16.23 1.71 -0.03
C LYS A 225 16.71 2.80 0.92
N TRP A 226 15.77 3.43 1.64
CA TRP A 226 16.15 4.51 2.55
C TRP A 226 17.02 4.00 3.69
N PHE A 227 16.65 2.86 4.27
CA PHE A 227 17.40 2.31 5.39
C PHE A 227 18.76 1.78 4.95
N ILE A 228 18.88 1.34 3.69
CA ILE A 228 20.17 0.89 3.18
C ILE A 228 21.08 2.07 2.92
N GLU A 229 20.56 3.14 2.30
CA GLU A 229 21.42 4.22 1.85
C GLU A 229 21.73 5.23 2.96
N GLU A 230 20.75 5.57 3.79
CA GLU A 230 20.92 6.67 4.73
C GLU A 230 21.25 6.22 6.15
N ILE A 231 20.86 5.02 6.56
CA ILE A 231 20.95 4.66 7.97
C ILE A 231 21.94 3.51 8.21
N TYR A 232 21.60 2.31 7.73
CA TYR A 232 22.38 1.13 8.09
C TYR A 232 23.83 1.25 7.63
N GLU A 233 24.08 1.94 6.53
CA GLU A 233 25.47 2.15 6.11
C GLU A 233 26.25 2.98 7.11
N ARG A 234 25.58 3.86 7.86
CA ARG A 234 26.28 4.72 8.80
C ARG A 234 26.36 4.16 10.22
N LYS A 235 25.72 3.04 10.50
CA LYS A 235 25.78 2.47 11.84
C LYS A 235 27.16 1.93 12.15
N GLN A 236 27.58 2.08 13.41
CA GLN A 236 28.86 1.50 13.82
C GLN A 236 28.79 -0.01 13.90
N ASP A 237 27.69 -0.54 14.42
CA ASP A 237 27.47 -1.98 14.54
C ASP A 237 27.10 -2.63 13.23
N MET A 238 27.26 -1.94 12.11
CA MET A 238 26.82 -2.46 10.82
C MET A 238 27.65 -3.68 10.41
N ASN A 239 26.96 -4.69 9.87
CA ASN A 239 27.55 -5.94 9.41
C ASN A 239 27.60 -5.94 7.88
N PRO A 240 28.77 -6.24 7.27
CA PRO A 240 28.86 -6.16 5.81
C PRO A 240 28.02 -7.21 5.10
N THR A 241 27.87 -8.40 5.66
CA THR A 241 27.09 -9.45 5.00
C THR A 241 25.64 -9.02 4.83
N LEU A 242 25.03 -8.49 5.89
CA LEU A 242 23.64 -8.04 5.81
C LEU A 242 23.47 -6.93 4.78
N LEU A 243 24.39 -5.95 4.78
CA LEU A 243 24.29 -4.84 3.85
C LEU A 243 24.41 -5.31 2.41
N GLU A 244 25.40 -6.16 2.13
CA GLU A 244 25.58 -6.66 0.77
C GLU A 244 24.39 -7.50 0.34
N PHE A 245 23.86 -8.33 1.23
CA PHE A 245 22.70 -9.16 0.90
C PHE A 245 21.49 -8.30 0.60
N ALA A 246 21.27 -7.26 1.40
CA ALA A 246 20.12 -6.37 1.17
C ALA A 246 20.25 -5.63 -0.16
N LYS A 247 21.44 -5.07 -0.43
CA LYS A 247 21.66 -4.38 -1.70
C LYS A 247 21.47 -5.32 -2.87
N LEU A 248 22.02 -6.54 -2.79
CA LEU A 248 21.93 -7.49 -3.88
C LEU A 248 20.48 -7.89 -4.14
N ASP A 249 19.73 -8.20 -3.08
CA ASP A 249 18.33 -8.58 -3.24
C ASP A 249 17.52 -7.42 -3.83
N PHE A 250 17.79 -6.19 -3.37
CA PHE A 250 17.09 -5.03 -3.90
C PHE A 250 17.36 -4.85 -5.38
N ASN A 251 18.62 -5.01 -5.80
CA ASN A 251 18.97 -4.79 -7.20
C ASN A 251 18.40 -5.91 -8.09
N MET A 252 18.39 -7.14 -7.60
CA MET A 252 17.80 -8.22 -8.39
C MET A 252 16.29 -8.04 -8.51
N LEU A 253 15.64 -7.58 -7.44
CA LEU A 253 14.22 -7.23 -7.54
C LEU A 253 13.99 -6.10 -8.53
N GLN A 254 14.90 -5.12 -8.55
CA GLN A 254 14.81 -4.05 -9.55
C GLN A 254 14.91 -4.60 -10.96
N SER A 255 15.80 -5.57 -11.18
CA SER A 255 15.94 -6.16 -12.51
C SER A 255 14.67 -6.92 -12.92
N THR A 256 14.10 -7.68 -11.98
CA THR A 256 12.83 -8.34 -12.27
C THR A 256 11.74 -7.33 -12.59
N TYR A 257 11.71 -6.22 -11.84
CA TYR A 257 10.74 -5.16 -12.12
C TYR A 257 10.96 -4.56 -13.51
N GLN A 258 12.22 -4.43 -13.91
CA GLN A 258 12.53 -3.89 -15.24
C GLN A 258 12.02 -4.82 -16.34
N GLU A 259 12.20 -6.13 -16.16
CA GLU A 259 11.68 -7.08 -17.14
C GLU A 259 10.15 -7.00 -17.21
N GLU A 260 9.50 -6.99 -16.05
CA GLU A 260 8.04 -6.88 -16.02
C GLU A 260 7.58 -5.58 -16.69
N LEU A 261 8.33 -4.50 -16.49
CA LEU A 261 7.95 -3.22 -17.06
C LEU A 261 8.16 -3.21 -18.57
N LYS A 262 9.18 -3.89 -19.08
CA LYS A 262 9.31 -4.05 -20.52
C LYS A 262 8.12 -4.80 -21.10
N VAL A 263 7.70 -5.88 -20.43
CA VAL A 263 6.55 -6.64 -20.90
C VAL A 263 5.30 -5.77 -20.91
N LEU A 264 5.09 -5.02 -19.82
CA LEU A 264 3.91 -4.17 -19.71
C LEU A 264 3.95 -3.03 -20.73
N SER A 265 5.14 -2.52 -21.05
CA SER A 265 5.24 -1.46 -22.04
C SER A 265 4.91 -1.99 -23.43
N ARG A 266 5.36 -3.21 -23.75
CA ARG A 266 4.96 -3.82 -25.01
C ARG A 266 3.45 -4.05 -25.06
N TRP A 267 2.87 -4.45 -23.93
CA TRP A 267 1.41 -4.62 -23.88
C TRP A 267 0.69 -3.30 -24.12
N TRP A 268 1.15 -2.22 -23.47
CA TRP A 268 0.53 -0.92 -23.67
C TRP A 268 0.69 -0.44 -25.10
N LYS A 269 1.83 -0.75 -25.72
CA LYS A 269 2.04 -0.42 -27.12
C LYS A 269 1.02 -1.12 -28.01
N ASP A 270 0.95 -2.44 -27.91
CA ASP A 270 0.07 -3.22 -28.77
C ASP A 270 -1.40 -3.14 -28.37
N SER A 271 -1.72 -2.45 -27.28
CA SER A 271 -3.12 -2.25 -26.91
C SER A 271 -3.74 -1.09 -27.67
N LYS A 272 -2.93 -0.10 -28.04
CA LYS A 272 -3.39 1.10 -28.76
C LYS A 272 -4.45 1.85 -27.97
N LEU A 273 -4.39 1.78 -26.64
CA LEU A 273 -5.34 2.52 -25.81
C LEU A 273 -5.06 4.01 -25.80
N GLY A 274 -3.85 4.43 -26.15
CA GLY A 274 -3.55 5.85 -26.23
C GLY A 274 -4.11 6.51 -27.47
N GLU A 275 -4.08 5.79 -28.60
CA GLU A 275 -4.60 6.36 -29.84
C GLU A 275 -6.12 6.44 -29.82
N LYS A 276 -6.79 5.32 -29.51
CA LYS A 276 -8.25 5.30 -29.51
C LYS A 276 -8.82 6.15 -28.39
N LEU A 277 -8.08 6.34 -27.30
CA LEU A 277 -8.54 7.08 -26.13
C LEU A 277 -7.50 8.14 -25.80
N PRO A 278 -7.59 9.32 -26.43
CA PRO A 278 -6.55 10.34 -26.21
C PRO A 278 -6.61 11.00 -24.85
N PHE A 279 -7.73 10.87 -24.13
CA PHE A 279 -7.88 11.50 -22.83
C PHE A 279 -7.16 10.77 -21.71
N VAL A 280 -6.71 9.53 -21.95
CA VAL A 280 -6.15 8.71 -20.89
C VAL A 280 -4.69 9.10 -20.68
N ARG A 281 -4.34 9.37 -19.43
CA ARG A 281 -2.96 9.66 -19.08
C ARG A 281 -2.10 8.41 -19.23
N ASP A 282 -0.91 8.58 -19.80
CA ASP A 282 0.01 7.48 -20.02
C ASP A 282 0.82 7.23 -18.74
N ARG A 283 0.12 6.68 -17.75
CA ARG A 283 0.72 6.43 -16.44
C ARG A 283 0.93 4.93 -16.21
N LEU A 284 1.51 4.25 -17.19
CA LEU A 284 1.79 2.82 -17.06
C LEU A 284 2.78 2.56 -15.94
N VAL A 285 3.88 3.33 -15.92
CA VAL A 285 4.90 3.16 -14.90
C VAL A 285 4.34 3.45 -13.51
N GLU A 286 3.36 4.36 -13.43
CA GLU A 286 2.76 4.67 -12.13
C GLU A 286 1.93 3.49 -11.62
N CYS A 287 1.21 2.82 -12.51
CA CYS A 287 0.47 1.62 -12.09
C CYS A 287 1.43 0.49 -11.73
N PHE A 288 2.55 0.38 -12.43
CA PHE A 288 3.54 -0.62 -12.07
C PHE A 288 4.15 -0.32 -10.70
N LEU A 289 4.37 0.96 -10.40
CA LEU A 289 4.84 1.35 -9.07
C LEU A 289 3.79 1.03 -8.01
N TRP A 290 2.51 1.22 -8.34
CA TRP A 290 1.43 0.77 -7.48
C TRP A 290 1.58 -0.72 -7.17
N GLN A 291 1.83 -1.53 -8.20
CA GLN A 291 1.95 -2.97 -7.98
C GLN A 291 3.18 -3.29 -7.13
N VAL A 292 4.29 -2.60 -7.37
CA VAL A 292 5.47 -2.76 -6.52
C VAL A 292 5.12 -2.47 -5.06
N GLY A 293 4.26 -1.48 -4.85
CA GLY A 293 3.80 -1.19 -3.49
C GLY A 293 2.86 -2.25 -2.94
N VAL A 294 2.11 -2.92 -3.81
CA VAL A 294 1.14 -3.91 -3.35
C VAL A 294 1.82 -5.24 -3.04
N ARG A 295 2.40 -5.88 -4.07
CA ARG A 295 3.07 -7.16 -3.93
C ARG A 295 4.47 -7.05 -4.53
N PHE A 296 5.48 -6.92 -3.67
CA PHE A 296 6.85 -6.72 -4.13
C PHE A 296 7.63 -8.02 -4.27
N GLU A 297 7.13 -9.11 -3.69
CA GLU A 297 7.90 -10.35 -3.67
C GLU A 297 8.16 -10.86 -5.08
N PRO A 298 9.30 -11.51 -5.32
CA PRO A 298 9.65 -11.91 -6.69
C PRO A 298 8.70 -12.93 -7.29
N GLN A 299 8.12 -13.81 -6.48
CA GLN A 299 7.31 -14.90 -7.01
C GLN A 299 5.92 -14.46 -7.46
N PHE A 300 5.54 -13.21 -7.24
CA PHE A 300 4.23 -12.71 -7.65
C PHE A 300 4.28 -11.91 -8.95
N SER A 301 5.34 -12.13 -9.75
CA SER A 301 5.54 -11.33 -10.96
C SER A 301 4.28 -11.27 -11.82
N TYR A 302 3.71 -12.43 -12.15
CA TYR A 302 2.51 -12.47 -12.98
C TYR A 302 1.42 -11.56 -12.43
N PHE A 303 1.18 -11.63 -11.12
CA PHE A 303 0.17 -10.78 -10.51
C PHE A 303 0.46 -9.31 -10.82
N ARG A 304 1.70 -8.87 -10.59
CA ARG A 304 2.07 -7.48 -10.82
C ARG A 304 1.77 -7.05 -12.25
N ILE A 305 1.74 -7.99 -13.19
CA ILE A 305 1.33 -7.64 -14.55
C ILE A 305 -0.18 -7.42 -14.60
N MET A 306 -0.95 -8.45 -14.22
CA MET A 306 -2.39 -8.40 -14.38
C MET A 306 -2.99 -7.19 -13.67
N ASP A 307 -2.72 -7.09 -12.36
CA ASP A 307 -3.23 -5.96 -11.59
C ASP A 307 -2.84 -4.64 -12.22
N THR A 308 -1.62 -4.55 -12.77
CA THR A 308 -1.23 -3.34 -13.50
C THR A 308 -2.29 -2.96 -14.51
N LYS A 309 -2.57 -3.86 -15.45
CA LYS A 309 -3.60 -3.61 -16.45
C LYS A 309 -4.90 -3.22 -15.78
N LEU A 310 -5.28 -3.94 -14.71
CA LEU A 310 -6.49 -3.60 -13.97
C LEU A 310 -6.48 -2.14 -13.57
N TYR A 311 -5.40 -1.70 -12.90
CA TYR A 311 -5.26 -0.29 -12.55
C TYR A 311 -5.47 0.58 -13.78
N VAL A 312 -4.74 0.28 -14.86
CA VAL A 312 -4.92 1.02 -16.11
C VAL A 312 -6.38 1.05 -16.49
N LEU A 313 -7.02 -0.13 -16.54
CA LEU A 313 -8.44 -0.20 -16.83
C LEU A 313 -9.23 0.73 -15.91
N LEU A 314 -9.01 0.60 -14.60
CA LEU A 314 -9.70 1.46 -13.64
C LEU A 314 -9.45 2.92 -13.96
N THR A 315 -8.19 3.27 -14.25
CA THR A 315 -7.87 4.65 -14.61
C THR A 315 -8.66 5.10 -15.83
N ILE A 316 -8.75 4.22 -16.84
CA ILE A 316 -9.51 4.57 -18.04
C ILE A 316 -10.97 4.82 -17.69
N ILE A 317 -11.48 4.07 -16.71
CA ILE A 317 -12.86 4.27 -16.29
C ILE A 317 -12.98 5.54 -15.44
N ASP A 318 -11.91 5.90 -14.74
CA ASP A 318 -11.92 7.13 -13.94
C ASP A 318 -11.92 8.37 -14.84
N ASP A 319 -10.89 8.50 -15.68
CA ASP A 319 -10.76 9.68 -16.53
C ASP A 319 -11.96 9.86 -17.44
N MET A 320 -12.57 8.76 -17.88
CA MET A 320 -13.73 8.86 -18.75
C MET A 320 -14.95 9.40 -18.01
N HIS A 321 -15.05 9.13 -16.71
CA HIS A 321 -16.25 9.52 -15.97
C HIS A 321 -16.20 10.97 -15.51
N ASP A 322 -15.05 11.43 -15.03
CA ASP A 322 -14.95 12.75 -14.41
C ASP A 322 -14.47 13.84 -15.37
N ILE A 323 -13.91 13.47 -16.52
CA ILE A 323 -13.33 14.43 -17.45
C ILE A 323 -13.98 14.35 -18.83
N TYR A 324 -14.01 13.15 -19.42
CA TYR A 324 -14.29 13.02 -20.85
C TYR A 324 -15.78 12.87 -21.15
N GLY A 325 -16.38 11.75 -20.74
CA GLY A 325 -17.73 11.46 -21.16
C GLY A 325 -18.75 12.39 -20.55
N THR A 326 -19.85 12.59 -21.29
CA THR A 326 -20.99 13.35 -20.80
C THR A 326 -21.93 12.42 -20.05
N LEU A 327 -23.04 12.98 -19.56
CA LEU A 327 -23.97 12.18 -18.76
C LEU A 327 -24.64 11.10 -19.59
N GLU A 328 -25.12 11.45 -20.79
CA GLU A 328 -25.81 10.47 -21.62
C GLU A 328 -24.87 9.35 -22.07
N GLU A 329 -23.63 9.70 -22.39
CA GLU A 329 -22.68 8.68 -22.84
C GLU A 329 -22.30 7.74 -21.71
N LEU A 330 -22.02 8.28 -20.53
CA LEU A 330 -21.72 7.43 -19.38
C LEU A 330 -22.93 6.58 -18.98
N GLN A 331 -24.15 7.12 -19.15
CA GLN A 331 -25.34 6.32 -18.90
C GLN A 331 -25.44 5.17 -19.88
N LEU A 332 -25.16 5.43 -21.16
CA LEU A 332 -25.14 4.35 -22.15
C LEU A 332 -24.07 3.32 -21.80
N PHE A 333 -22.92 3.77 -21.31
CA PHE A 333 -21.85 2.84 -20.94
C PHE A 333 -22.27 1.96 -19.78
N THR A 334 -22.87 2.55 -18.75
CA THR A 334 -23.33 1.75 -17.60
C THR A 334 -24.45 0.80 -18.01
N ASN A 335 -25.35 1.23 -18.90
CA ASN A 335 -26.39 0.35 -19.39
C ASN A 335 -25.80 -0.83 -20.15
N ALA A 336 -24.83 -0.56 -21.03
CA ALA A 336 -24.18 -1.63 -21.78
C ALA A 336 -23.44 -2.58 -20.84
N LEU A 337 -22.84 -2.04 -19.78
CA LEU A 337 -22.19 -2.89 -18.80
C LEU A 337 -23.19 -3.80 -18.10
N GLN A 338 -24.36 -3.26 -17.76
CA GLN A 338 -25.41 -4.09 -17.16
C GLN A 338 -25.87 -5.18 -18.12
N ARG A 339 -26.08 -4.82 -19.39
CA ARG A 339 -26.56 -5.78 -20.37
C ARG A 339 -25.45 -6.76 -20.78
N TRP A 340 -24.21 -6.30 -20.80
CA TRP A 340 -23.04 -7.15 -21.03
C TRP A 340 -23.18 -7.95 -22.33
N ASP A 341 -23.26 -7.22 -23.44
CA ASP A 341 -23.30 -7.85 -24.75
C ASP A 341 -22.65 -6.90 -25.75
N LEU A 342 -22.08 -7.49 -26.81
CA LEU A 342 -21.35 -6.72 -27.80
C LEU A 342 -22.28 -5.98 -28.78
N LYS A 343 -23.53 -6.41 -28.89
CA LYS A 343 -24.49 -5.67 -29.71
C LYS A 343 -24.74 -4.27 -29.15
N GLU A 344 -24.34 -4.00 -27.91
CA GLU A 344 -24.41 -2.65 -27.36
C GLU A 344 -23.38 -1.73 -27.97
N LEU A 345 -22.33 -2.28 -28.59
CA LEU A 345 -21.28 -1.44 -29.16
C LEU A 345 -21.84 -0.54 -30.26
N ASP A 346 -22.79 -1.05 -31.03
CA ASP A 346 -23.47 -0.27 -32.06
C ASP A 346 -24.16 0.96 -31.49
N LYS A 347 -24.51 0.93 -30.22
CA LYS A 347 -25.19 2.05 -29.54
C LYS A 347 -24.22 2.84 -28.66
N LEU A 348 -22.98 2.97 -29.08
CA LEU A 348 -21.94 3.70 -28.36
C LEU A 348 -21.02 4.39 -29.35
N PRO A 349 -20.41 5.51 -28.95
CA PRO A 349 -19.37 6.11 -29.79
C PRO A 349 -18.12 5.25 -29.81
N ASP A 350 -17.16 5.65 -30.66
CA ASP A 350 -16.01 4.80 -30.93
C ASP A 350 -15.13 4.60 -29.69
N TYR A 351 -14.86 5.69 -28.95
CA TYR A 351 -14.06 5.55 -27.75
C TYR A 351 -14.80 4.71 -26.70
N MET A 352 -16.12 4.86 -26.63
CA MET A 352 -16.92 3.98 -25.77
C MET A 352 -16.82 2.53 -26.22
N LYS A 353 -16.84 2.30 -27.54
CA LYS A 353 -16.66 0.95 -28.06
C LYS A 353 -15.33 0.36 -27.57
N THR A 354 -14.25 1.12 -27.72
CA THR A 354 -12.93 0.64 -27.32
C THR A 354 -12.89 0.34 -25.82
N ALA A 355 -13.35 1.28 -25.00
CA ALA A 355 -13.31 1.09 -23.56
C ALA A 355 -14.16 -0.11 -23.13
N PHE A 356 -15.37 -0.23 -23.69
CA PHE A 356 -16.26 -1.32 -23.30
C PHE A 356 -15.70 -2.67 -23.73
N TYR A 357 -15.12 -2.76 -24.92
CA TYR A 357 -14.56 -4.03 -25.37
C TYR A 357 -13.33 -4.39 -24.55
N PHE A 358 -12.52 -3.40 -24.17
CA PHE A 358 -11.38 -3.68 -23.30
C PHE A 358 -11.83 -4.19 -21.96
N THR A 359 -12.86 -3.57 -21.37
CA THR A 359 -13.39 -4.05 -20.10
C THR A 359 -13.94 -5.46 -20.22
N TYR A 360 -14.69 -5.72 -21.29
CA TYR A 360 -15.23 -7.05 -21.57
C TYR A 360 -14.12 -8.11 -21.60
N ASN A 361 -13.10 -7.86 -22.42
CA ASN A 361 -12.02 -8.84 -22.58
C ASN A 361 -11.25 -9.02 -21.28
N PHE A 362 -11.00 -7.93 -20.53
CA PHE A 362 -10.22 -8.07 -19.30
C PHE A 362 -11.02 -8.82 -18.23
N THR A 363 -12.32 -8.56 -18.14
CA THR A 363 -13.14 -9.30 -17.19
C THR A 363 -13.20 -10.78 -17.54
N ASN A 364 -13.31 -11.09 -18.84
CA ASN A 364 -13.29 -12.49 -19.24
C ASN A 364 -11.94 -13.14 -18.98
N GLU A 365 -10.85 -12.37 -19.09
CA GLU A 365 -9.54 -12.92 -18.78
C GLU A 365 -9.39 -13.20 -17.28
N LEU A 366 -9.93 -12.31 -16.44
CA LEU A 366 -9.96 -12.55 -15.01
C LEU A 366 -10.72 -13.84 -14.69
N ALA A 367 -11.91 -13.99 -15.30
CA ALA A 367 -12.69 -15.20 -15.09
C ALA A 367 -11.97 -16.44 -15.59
N PHE A 368 -11.22 -16.31 -16.70
CA PHE A 368 -10.45 -17.44 -17.21
C PHE A 368 -9.37 -17.85 -16.23
N ASP A 369 -8.65 -16.87 -15.66
CA ASP A 369 -7.63 -17.20 -14.67
C ASP A 369 -8.24 -17.86 -13.44
N VAL A 370 -9.40 -17.37 -13.00
CA VAL A 370 -10.04 -17.96 -11.84
C VAL A 370 -10.51 -19.38 -12.15
N LEU A 371 -10.95 -19.63 -13.39
CA LEU A 371 -11.33 -20.98 -13.77
C LEU A 371 -10.11 -21.90 -13.77
N GLN A 372 -8.99 -21.44 -14.35
CA GLN A 372 -7.80 -22.28 -14.40
C GLN A 372 -7.22 -22.52 -13.01
N GLU A 373 -7.45 -21.60 -12.07
CA GLU A 373 -6.94 -21.76 -10.72
C GLU A 373 -7.83 -22.64 -9.85
N HIS A 374 -9.09 -22.23 -9.66
CA HIS A 374 -9.99 -22.89 -8.71
C HIS A 374 -10.99 -23.82 -9.39
N GLY A 375 -11.01 -23.90 -10.72
CA GLY A 375 -11.84 -24.86 -11.39
C GLY A 375 -13.33 -24.57 -11.38
N PHE A 376 -13.71 -23.30 -11.45
CA PHE A 376 -15.12 -22.93 -11.53
C PHE A 376 -15.23 -21.58 -12.20
N VAL A 377 -16.40 -21.33 -12.78
CA VAL A 377 -16.67 -20.07 -13.48
C VAL A 377 -17.20 -19.05 -12.48
N HIS A 378 -16.75 -17.81 -12.62
CA HIS A 378 -17.18 -16.73 -11.75
C HIS A 378 -17.34 -15.43 -12.53
N ILE A 379 -17.72 -15.53 -13.80
CA ILE A 379 -17.85 -14.35 -14.64
C ILE A 379 -18.93 -13.41 -14.11
N GLU A 380 -19.97 -13.98 -13.48
CA GLU A 380 -21.05 -13.14 -12.96
C GLU A 380 -20.56 -12.25 -11.83
N TYR A 381 -19.68 -12.76 -10.97
CA TYR A 381 -19.18 -11.98 -9.84
C TYR A 381 -18.33 -10.81 -10.32
N PHE A 382 -17.42 -11.04 -11.27
CA PHE A 382 -16.59 -9.97 -11.78
C PHE A 382 -17.41 -8.98 -12.60
N LYS A 383 -18.41 -9.48 -13.33
CA LYS A 383 -19.31 -8.59 -14.05
C LYS A 383 -20.05 -7.68 -13.08
N LYS A 384 -20.51 -8.23 -11.96
CA LYS A 384 -21.20 -7.42 -10.96
C LYS A 384 -20.26 -6.43 -10.31
N LEU A 385 -19.00 -6.83 -10.10
CA LEU A 385 -18.00 -5.89 -9.60
C LEU A 385 -17.85 -4.69 -10.53
N MET A 386 -17.68 -4.96 -11.84
CA MET A 386 -17.52 -3.87 -12.80
C MET A 386 -18.77 -3.01 -12.88
N VAL A 387 -19.95 -3.63 -12.87
CA VAL A 387 -21.19 -2.88 -12.95
C VAL A 387 -21.38 -2.02 -11.71
N GLU A 388 -20.98 -2.51 -10.55
CA GLU A 388 -21.06 -1.71 -9.32
C GLU A 388 -20.10 -0.53 -9.37
N LEU A 389 -18.87 -0.77 -9.85
CA LEU A 389 -17.91 0.32 -10.01
C LEU A 389 -18.47 1.41 -10.92
N CYS A 390 -18.99 1.01 -12.09
CA CYS A 390 -19.53 2.00 -13.00
C CYS A 390 -20.81 2.64 -12.47
N LYS A 391 -21.60 1.91 -11.68
CA LYS A 391 -22.78 2.49 -11.05
C LYS A 391 -22.40 3.61 -10.11
N HIS A 392 -21.37 3.39 -9.29
CA HIS A 392 -20.99 4.43 -8.34
C HIS A 392 -20.26 5.59 -9.03
N HIS A 393 -19.52 5.31 -10.10
CA HIS A 393 -18.97 6.39 -10.91
C HIS A 393 -20.08 7.24 -11.52
N LEU A 394 -21.11 6.59 -12.07
CA LEU A 394 -22.25 7.32 -12.62
C LEU A 394 -23.00 8.07 -11.53
N GLN A 395 -23.04 7.54 -10.31
CA GLN A 395 -23.64 8.25 -9.19
C GLN A 395 -22.89 9.53 -8.88
N GLU A 396 -21.56 9.45 -8.84
CA GLU A 396 -20.75 10.66 -8.68
C GLU A 396 -21.02 11.65 -9.81
N ALA A 397 -21.10 11.16 -11.04
CA ALA A 397 -21.34 12.04 -12.18
C ALA A 397 -22.70 12.73 -12.08
N LYS A 398 -23.74 11.98 -11.72
CA LYS A 398 -25.07 12.55 -11.60
C LYS A 398 -25.17 13.51 -10.43
N TRP A 399 -24.44 13.25 -9.35
CA TRP A 399 -24.37 14.22 -8.26
C TRP A 399 -23.69 15.50 -8.70
N PHE A 400 -22.65 15.38 -9.54
CA PHE A 400 -21.97 16.56 -10.06
C PHE A 400 -22.88 17.38 -10.96
N TYR A 401 -23.55 16.73 -11.91
CA TYR A 401 -24.35 17.46 -12.89
C TYR A 401 -25.66 17.97 -12.29
N SER A 402 -26.18 17.32 -11.25
CA SER A 402 -27.38 17.82 -10.58
C SER A 402 -27.08 18.92 -9.58
N GLY A 403 -25.80 19.25 -9.38
CA GLY A 403 -25.45 20.30 -8.44
C GLY A 403 -25.58 19.95 -6.98
N TYR A 404 -25.76 18.67 -6.66
CA TYR A 404 -25.91 18.26 -5.27
C TYR A 404 -24.56 18.05 -4.61
N LYS A 405 -24.43 18.55 -3.38
CA LYS A 405 -23.19 18.41 -2.62
C LYS A 405 -23.41 17.42 -1.48
N PRO A 406 -22.95 16.19 -1.60
CA PRO A 406 -23.20 15.19 -0.57
C PRO A 406 -22.39 15.45 0.69
N THR A 407 -22.83 14.85 1.78
CA THR A 407 -22.08 14.93 3.02
C THR A 407 -20.83 14.05 2.94
N LEU A 408 -19.96 14.20 3.94
CA LEU A 408 -18.75 13.38 3.97
C LEU A 408 -19.07 11.91 4.10
N GLN A 409 -20.10 11.57 4.89
CA GLN A 409 -20.48 10.18 5.07
C GLN A 409 -20.98 9.56 3.77
N GLU A 410 -21.91 10.24 3.09
CA GLU A 410 -22.40 9.75 1.82
C GLU A 410 -21.29 9.70 0.78
N TYR A 411 -20.43 10.72 0.77
CA TYR A 411 -19.33 10.73 -0.19
C TYR A 411 -18.41 9.54 0.01
N VAL A 412 -18.08 9.22 1.26
CA VAL A 412 -17.22 8.08 1.53
C VAL A 412 -17.91 6.78 1.15
N GLU A 413 -19.19 6.63 1.53
CA GLU A 413 -19.92 5.40 1.23
C GLU A 413 -20.03 5.17 -0.27
N ASN A 414 -20.06 6.24 -1.07
CA ASN A 414 -20.09 6.08 -2.52
C ASN A 414 -18.69 5.95 -3.11
N GLY A 415 -17.69 6.61 -2.51
CA GLY A 415 -16.38 6.67 -3.12
C GLY A 415 -15.51 5.46 -2.87
N TRP A 416 -15.67 4.81 -1.72
CA TRP A 416 -14.92 3.58 -1.49
C TRP A 416 -15.30 2.50 -2.48
N LEU A 417 -16.50 2.58 -3.07
CA LEU A 417 -16.89 1.70 -4.15
C LEU A 417 -16.59 2.28 -5.52
N SER A 418 -16.66 3.60 -5.68
CA SER A 418 -16.31 4.23 -6.95
C SER A 418 -14.80 4.44 -7.11
N VAL A 419 -13.99 3.97 -6.16
CA VAL A 419 -12.54 4.09 -6.29
C VAL A 419 -11.91 2.86 -6.94
N GLY A 420 -12.64 1.74 -7.00
CA GLY A 420 -12.14 0.54 -7.64
C GLY A 420 -11.27 -0.34 -6.77
N GLY A 421 -11.08 0.01 -5.50
CA GLY A 421 -10.24 -0.81 -4.63
C GLY A 421 -10.80 -2.19 -4.39
N GLN A 422 -12.14 -2.32 -4.39
CA GLN A 422 -12.75 -3.62 -4.20
C GLN A 422 -12.40 -4.59 -5.33
N VAL A 423 -12.29 -4.09 -6.56
CA VAL A 423 -11.93 -4.96 -7.67
C VAL A 423 -10.49 -5.46 -7.51
N ILE A 424 -9.58 -4.55 -7.14
CA ILE A 424 -8.19 -4.93 -6.91
C ILE A 424 -8.11 -5.97 -5.81
N LEU A 425 -8.84 -5.76 -4.72
CA LEU A 425 -8.75 -6.67 -3.58
C LEU A 425 -9.42 -8.01 -3.88
N MET A 426 -10.45 -8.04 -4.74
CA MET A 426 -11.04 -9.31 -5.12
C MET A 426 -10.11 -10.08 -6.07
N HIS A 427 -9.43 -9.37 -6.96
CA HIS A 427 -8.40 -10.01 -7.78
C HIS A 427 -7.33 -10.63 -6.90
N ALA A 428 -6.86 -9.88 -5.89
CA ALA A 428 -5.86 -10.41 -4.97
C ALA A 428 -6.42 -11.59 -4.18
N TYR A 429 -7.69 -11.52 -3.80
CA TYR A 429 -8.31 -12.62 -3.05
C TYR A 429 -8.31 -13.90 -3.87
N PHE A 430 -8.81 -13.85 -5.10
CA PHE A 430 -8.85 -15.04 -5.92
C PHE A 430 -7.48 -15.43 -6.48
N ALA A 431 -6.46 -14.57 -6.32
CA ALA A 431 -5.12 -14.95 -6.71
C ALA A 431 -4.30 -15.52 -5.56
N PHE A 432 -4.64 -15.21 -4.30
CA PHE A 432 -3.82 -15.60 -3.16
C PHE A 432 -4.53 -16.50 -2.16
N THR A 433 -5.83 -16.72 -2.29
CA THR A 433 -6.57 -17.59 -1.39
C THR A 433 -6.89 -18.89 -2.11
N ASN A 434 -6.43 -20.01 -1.57
CA ASN A 434 -6.64 -21.31 -2.18
C ASN A 434 -6.59 -22.40 -1.10
N PRO A 435 -7.65 -23.19 -0.95
CA PRO A 435 -8.90 -23.17 -1.70
C PRO A 435 -9.91 -22.17 -1.13
N VAL A 436 -10.99 -21.90 -1.86
CA VAL A 436 -12.07 -21.05 -1.40
C VAL A 436 -13.30 -21.93 -1.19
N THR A 437 -13.90 -21.83 -0.01
CA THR A 437 -15.03 -22.68 0.37
C THR A 437 -16.36 -22.03 -0.02
N LYS A 438 -17.40 -22.85 -0.07
CA LYS A 438 -18.73 -22.35 -0.42
C LYS A 438 -19.20 -21.28 0.55
N GLU A 439 -18.85 -21.40 1.83
CA GLU A 439 -19.23 -20.40 2.81
C GLU A 439 -18.59 -19.06 2.50
N ALA A 440 -17.33 -19.06 2.07
CA ALA A 440 -16.66 -17.82 1.69
C ALA A 440 -17.32 -17.20 0.46
N LEU A 441 -17.72 -18.04 -0.51
CA LEU A 441 -18.39 -17.51 -1.70
C LEU A 441 -19.75 -16.92 -1.35
N GLU A 442 -20.46 -17.55 -0.41
CA GLU A 442 -21.74 -17.01 0.03
C GLU A 442 -21.56 -15.72 0.82
N CYS A 443 -20.48 -15.61 1.59
CA CYS A 443 -20.21 -14.37 2.30
C CYS A 443 -19.82 -13.25 1.35
N LEU A 444 -19.11 -13.58 0.27
CA LEU A 444 -18.72 -12.55 -0.70
C LEU A 444 -19.86 -12.16 -1.62
N LYS A 445 -20.80 -13.07 -1.88
CA LYS A 445 -21.97 -12.70 -2.69
C LYS A 445 -22.90 -11.77 -1.94
N ASP A 446 -22.75 -11.66 -0.62
CA ASP A 446 -23.55 -10.73 0.18
C ASP A 446 -22.70 -9.58 0.67
N GLY A 447 -22.12 -8.80 -0.25
CA GLY A 447 -21.34 -7.64 0.10
C GLY A 447 -19.85 -7.93 0.14
N HIS A 448 -19.08 -6.86 0.35
CA HIS A 448 -17.63 -6.87 0.44
C HIS A 448 -17.17 -6.96 1.89
N PRO A 449 -15.99 -7.52 2.13
CA PRO A 449 -15.50 -7.63 3.51
C PRO A 449 -15.26 -6.27 4.14
N ASN A 450 -15.18 -6.28 5.47
CA ASN A 450 -14.95 -5.03 6.22
C ASN A 450 -13.53 -4.51 5.97
N ILE A 451 -12.55 -5.41 5.97
CA ILE A 451 -11.17 -5.00 5.70
C ILE A 451 -11.04 -4.43 4.29
N VAL A 452 -11.73 -5.05 3.32
CA VAL A 452 -11.70 -4.54 1.95
C VAL A 452 -12.35 -3.16 1.88
N ARG A 453 -13.47 -2.98 2.56
CA ARG A 453 -14.16 -1.70 2.54
C ARG A 453 -13.29 -0.59 3.14
N HIS A 454 -12.65 -0.87 4.28
CA HIS A 454 -11.83 0.16 4.90
C HIS A 454 -10.52 0.39 4.15
N ALA A 455 -10.00 -0.64 3.47
CA ALA A 455 -8.84 -0.43 2.61
C ALA A 455 -9.19 0.46 1.43
N SER A 456 -10.36 0.25 0.83
CA SER A 456 -10.80 1.13 -0.25
C SER A 456 -11.08 2.54 0.27
N ILE A 457 -11.54 2.66 1.52
CA ILE A 457 -11.74 3.97 2.13
C ILE A 457 -10.40 4.70 2.27
N ILE A 458 -9.39 3.99 2.77
CA ILE A 458 -8.05 4.56 2.84
C ILE A 458 -7.57 4.97 1.46
N LEU A 459 -7.79 4.12 0.47
CA LEU A 459 -7.39 4.42 -0.91
C LEU A 459 -8.01 5.72 -1.38
N ARG A 460 -9.33 5.86 -1.25
CA ARG A 460 -10.02 7.05 -1.72
C ARG A 460 -9.57 8.29 -0.96
N LEU A 461 -9.44 8.19 0.36
CA LEU A 461 -9.07 9.36 1.15
C LEU A 461 -7.64 9.81 0.85
N ALA A 462 -6.73 8.86 0.62
CA ALA A 462 -5.36 9.23 0.26
C ALA A 462 -5.31 9.82 -1.15
N ASP A 463 -6.11 9.28 -2.07
CA ASP A 463 -6.16 9.82 -3.42
C ASP A 463 -6.67 11.25 -3.43
N ASP A 464 -7.68 11.54 -2.60
CA ASP A 464 -8.17 12.91 -2.49
C ASP A 464 -7.19 13.83 -1.79
N LEU A 465 -6.28 13.27 -0.99
CA LEU A 465 -5.25 14.08 -0.35
C LEU A 465 -4.29 14.62 -1.40
N GLY A 466 -4.12 15.94 -1.41
CA GLY A 466 -3.26 16.60 -2.37
C GLY A 466 -3.92 16.94 -3.69
N THR A 467 -5.21 16.64 -3.85
CA THR A 467 -5.92 16.97 -5.08
C THR A 467 -7.08 17.93 -4.80
N VAL A 477 -15.61 18.83 -9.36
CA VAL A 477 -16.33 17.78 -8.57
C VAL A 477 -15.80 17.83 -7.14
N PRO A 478 -16.61 18.25 -6.14
CA PRO A 478 -16.17 18.31 -4.76
C PRO A 478 -15.86 16.92 -4.27
N LYS A 479 -14.89 16.82 -3.37
CA LYS A 479 -14.45 15.47 -2.95
C LYS A 479 -14.50 14.87 -1.53
N SER A 480 -13.51 15.17 -0.71
CA SER A 480 -13.39 14.56 0.64
C SER A 480 -13.32 15.84 1.46
N ILE A 481 -12.23 16.60 1.38
CA ILE A 481 -12.09 17.76 2.25
C ILE A 481 -13.08 18.86 1.84
N GLN A 482 -13.44 18.93 0.56
CA GLN A 482 -14.40 19.91 0.12
C GLN A 482 -15.77 19.67 0.74
N CYS A 483 -16.22 18.41 0.77
CA CYS A 483 -17.51 18.10 1.38
C CYS A 483 -17.49 18.37 2.87
N TYR A 484 -16.39 18.05 3.55
CA TYR A 484 -16.32 18.28 4.98
C TYR A 484 -16.29 19.78 5.31
N MET A 485 -15.61 20.57 4.46
CA MET A 485 -15.66 22.02 4.65
C MET A 485 -17.03 22.59 4.30
N HIS A 486 -17.78 21.89 3.44
CA HIS A 486 -19.14 22.33 3.13
C HIS A 486 -20.07 22.07 4.31
N ASP A 487 -19.99 20.88 4.90
CA ASP A 487 -20.92 20.50 5.98
C ASP A 487 -20.53 21.19 7.29
N THR A 488 -19.38 20.82 7.84
CA THR A 488 -18.99 21.34 9.16
C THR A 488 -18.58 22.80 9.08
N GLY A 489 -17.90 23.19 8.01
CA GLY A 489 -17.48 24.57 7.85
C GLY A 489 -16.12 24.91 8.40
N ALA A 490 -15.35 23.91 8.83
CA ALA A 490 -14.03 24.15 9.37
C ALA A 490 -13.04 24.53 8.26
N SER A 491 -11.83 24.91 8.67
CA SER A 491 -10.82 25.33 7.71
C SER A 491 -10.27 24.13 6.94
N GLU A 492 -9.34 24.39 6.03
CA GLU A 492 -8.81 23.34 5.18
C GLU A 492 -7.89 22.41 5.97
N ASP A 493 -7.02 22.98 6.82
CA ASP A 493 -6.15 22.13 7.63
C ASP A 493 -6.96 21.28 8.60
N GLU A 494 -8.05 21.84 9.14
CA GLU A 494 -8.92 21.06 10.01
C GLU A 494 -9.60 19.93 9.24
N ALA A 495 -10.03 20.20 8.01
CA ALA A 495 -10.64 19.15 7.20
C ALA A 495 -9.65 18.04 6.87
N ARG A 496 -8.42 18.42 6.52
CA ARG A 496 -7.41 17.41 6.23
C ARG A 496 -7.02 16.62 7.48
N GLU A 497 -7.05 17.26 8.65
CA GLU A 497 -6.78 16.53 9.88
C GLU A 497 -7.91 15.55 10.19
N HIS A 498 -9.15 15.94 9.88
CA HIS A 498 -10.27 15.01 10.04
C HIS A 498 -10.14 13.83 9.06
N ILE A 499 -9.67 14.11 7.84
CA ILE A 499 -9.47 13.03 6.87
C ILE A 499 -8.36 12.09 7.35
N LYS A 500 -7.29 12.63 7.92
CA LYS A 500 -6.26 11.78 8.50
C LYS A 500 -6.77 10.98 9.69
N TYR A 501 -7.68 11.57 10.47
CA TYR A 501 -8.31 10.81 11.56
C TYR A 501 -9.13 9.64 11.01
N LEU A 502 -9.89 9.88 9.94
CA LEU A 502 -10.61 8.79 9.30
C LEU A 502 -9.66 7.72 8.79
N ILE A 503 -8.52 8.13 8.23
CA ILE A 503 -7.53 7.18 7.74
C ILE A 503 -6.98 6.34 8.89
N SER A 504 -6.69 6.98 10.02
CA SER A 504 -6.18 6.25 11.18
C SER A 504 -7.22 5.28 11.73
N GLU A 505 -8.49 5.67 11.73
CA GLU A 505 -9.54 4.77 12.19
C GLU A 505 -9.69 3.58 11.25
N SER A 506 -9.58 3.81 9.94
CA SER A 506 -9.63 2.70 9.00
C SER A 506 -8.40 1.80 9.14
N TRP A 507 -7.25 2.38 9.51
CA TRP A 507 -6.08 1.55 9.77
C TRP A 507 -6.28 0.68 11.00
N LYS A 508 -6.90 1.21 12.05
CA LYS A 508 -7.27 0.37 13.18
C LYS A 508 -8.20 -0.75 12.74
N GLU A 509 -9.22 -0.40 11.93
CA GLU A 509 -10.13 -1.41 11.36
C GLU A 509 -9.35 -2.55 10.71
N MET A 510 -8.42 -2.21 9.80
CA MET A 510 -7.63 -3.23 9.15
C MET A 510 -6.76 -4.00 10.13
N ASN A 511 -6.27 -3.33 11.17
CA ASN A 511 -5.46 -4.00 12.19
C ASN A 511 -6.27 -5.02 12.97
N ASN A 512 -7.59 -4.86 13.05
CA ASN A 512 -8.40 -5.84 13.77
C ASN A 512 -8.28 -7.23 13.15
N GLU A 513 -8.14 -7.30 11.82
CA GLU A 513 -8.12 -8.60 11.15
C GLU A 513 -6.86 -9.40 11.44
N ASP A 514 -5.77 -8.74 11.84
CA ASP A 514 -4.50 -9.40 12.14
C ASP A 514 -4.57 -9.97 13.56
N GLY A 515 -5.28 -11.08 13.69
CA GLY A 515 -5.46 -11.72 14.98
C GLY A 515 -5.60 -13.23 14.89
N ASN A 518 -12.38 -17.00 14.16
CA ASN A 518 -12.03 -17.63 12.89
C ASN A 518 -12.40 -16.72 11.72
N SER A 519 -11.39 -16.10 11.11
CA SER A 519 -11.61 -15.19 10.00
C SER A 519 -11.57 -15.95 8.67
N PHE A 520 -12.42 -15.53 7.73
CA PHE A 520 -12.51 -16.15 6.43
C PHE A 520 -11.43 -15.68 5.46
N PHE A 521 -10.41 -14.98 5.94
CA PHE A 521 -9.37 -14.42 5.09
C PHE A 521 -8.01 -14.83 5.64
N SER A 522 -7.13 -15.29 4.76
CA SER A 522 -5.81 -15.72 5.17
C SER A 522 -4.95 -14.51 5.56
N ASN A 523 -3.89 -14.78 6.33
CA ASN A 523 -2.95 -13.73 6.69
C ASN A 523 -2.35 -13.06 5.46
N GLU A 524 -2.15 -13.83 4.40
CA GLU A 524 -1.63 -13.29 3.15
C GLU A 524 -2.55 -12.20 2.60
N PHE A 525 -3.85 -12.50 2.51
CA PHE A 525 -4.80 -11.54 1.95
C PHE A 525 -4.91 -10.29 2.83
N VAL A 526 -4.88 -10.46 4.14
CA VAL A 526 -4.88 -9.31 5.05
C VAL A 526 -3.65 -8.43 4.79
N GLN A 527 -2.49 -9.06 4.63
CA GLN A 527 -1.28 -8.29 4.34
C GLN A 527 -1.36 -7.62 2.98
N VAL A 528 -2.05 -8.22 2.01
CA VAL A 528 -2.18 -7.58 0.70
C VAL A 528 -3.09 -6.36 0.80
N CYS A 529 -4.15 -6.44 1.61
CA CYS A 529 -5.01 -5.29 1.82
C CYS A 529 -4.24 -4.16 2.52
N GLN A 530 -3.47 -4.50 3.55
CA GLN A 530 -2.67 -3.50 4.22
C GLN A 530 -1.59 -2.94 3.32
N ASN A 531 -1.08 -3.74 2.37
CA ASN A 531 -0.12 -3.24 1.40
C ASN A 531 -0.78 -2.30 0.41
N LEU A 532 -2.05 -2.56 0.06
CA LEU A 532 -2.81 -1.60 -0.74
C LEU A 532 -2.90 -0.26 -0.01
N GLY A 533 -3.22 -0.31 1.28
CA GLY A 533 -3.25 0.93 2.06
C GLY A 533 -1.91 1.63 2.12
N ARG A 534 -0.83 0.87 2.32
CA ARG A 534 0.50 1.46 2.38
C ARG A 534 0.90 2.08 1.04
N ALA A 535 0.56 1.41 -0.07
CA ALA A 535 0.85 1.97 -1.39
C ALA A 535 0.01 3.21 -1.64
N SER A 536 -1.22 3.25 -1.13
CA SER A 536 -2.03 4.47 -1.23
C SER A 536 -1.35 5.62 -0.51
N GLN A 537 -0.89 5.39 0.72
CA GLN A 537 -0.20 6.44 1.45
C GLN A 537 1.20 6.73 0.89
N PHE A 538 1.74 5.84 0.06
CA PHE A 538 3.06 6.07 -0.52
C PHE A 538 2.97 6.88 -1.80
N ILE A 539 1.96 6.62 -2.63
CA ILE A 539 1.84 7.31 -3.91
C ILE A 539 1.44 8.77 -3.69
N TYR A 540 0.41 9.01 -2.88
CA TYR A 540 -0.12 10.35 -2.65
C TYR A 540 0.42 10.95 -1.35
N GLN A 541 1.64 10.59 -0.96
CA GLN A 541 2.19 11.07 0.30
C GLN A 541 2.42 12.58 0.25
N TYR A 542 3.20 13.04 -0.71
CA TYR A 542 3.64 14.43 -0.78
C TYR A 542 2.90 15.19 -1.88
N GLY A 543 3.21 14.91 -3.14
CA GLY A 543 2.53 15.52 -4.26
C GLY A 543 1.60 14.55 -4.97
N ASP A 544 0.99 15.05 -6.05
CA ASP A 544 0.07 14.26 -6.87
C ASP A 544 0.89 13.39 -7.81
N GLY A 545 1.44 12.31 -7.25
CA GLY A 545 2.27 11.40 -8.04
C GLY A 545 1.53 10.62 -9.08
N HIS A 546 0.19 10.59 -9.01
CA HIS A 546 -0.59 9.83 -9.98
C HIS A 546 -0.84 10.62 -11.25
N ALA A 547 -1.25 11.88 -11.11
CA ALA A 547 -1.65 12.69 -12.26
C ALA A 547 -0.65 13.77 -12.62
N SER A 548 0.31 14.09 -11.75
CA SER A 548 1.31 15.10 -12.03
C SER A 548 2.68 14.46 -12.17
N GLN A 549 3.51 15.06 -13.03
CA GLN A 549 4.82 14.52 -13.33
C GLN A 549 5.91 15.42 -12.78
N ASN A 550 5.95 15.57 -11.46
CA ASN A 550 6.87 16.48 -10.80
C ASN A 550 8.19 15.76 -10.50
N ASN A 551 9.08 16.43 -9.77
CA ASN A 551 10.41 15.88 -9.51
C ASN A 551 10.34 14.65 -8.62
N LEU A 552 9.40 14.63 -7.67
CA LEU A 552 9.26 13.47 -6.80
C LEU A 552 8.78 12.25 -7.59
N SER A 553 7.87 12.47 -8.54
CA SER A 553 7.40 11.37 -9.38
C SER A 553 8.52 10.79 -10.23
N LYS A 554 9.47 11.62 -10.65
CA LYS A 554 10.65 11.10 -11.34
C LYS A 554 11.55 10.35 -10.38
N GLU A 555 11.82 10.93 -9.21
CA GLU A 555 12.86 10.42 -8.33
C GLU A 555 12.47 9.08 -7.72
N ARG A 556 11.20 8.92 -7.34
CA ARG A 556 10.77 7.65 -6.78
C ARG A 556 10.92 6.52 -7.80
N VAL A 557 10.50 6.77 -9.04
CA VAL A 557 10.63 5.76 -10.09
C VAL A 557 12.09 5.48 -10.39
N LEU A 558 12.93 6.52 -10.40
CA LEU A 558 14.35 6.31 -10.65
C LEU A 558 14.99 5.45 -9.57
N GLY A 559 14.70 5.76 -8.30
CA GLY A 559 15.33 5.04 -7.22
C GLY A 559 14.80 3.63 -7.02
N LEU A 560 13.54 3.40 -7.36
CA LEU A 560 12.91 2.10 -7.11
C LEU A 560 12.91 1.17 -8.32
N ILE A 561 13.17 1.68 -9.52
CA ILE A 561 13.06 0.85 -10.71
C ILE A 561 14.33 0.91 -11.54
N ILE A 562 14.73 2.10 -11.97
CA ILE A 562 15.83 2.23 -12.92
C ILE A 562 17.18 2.16 -12.22
N THR A 563 17.40 3.04 -11.24
CA THR A 563 18.72 3.18 -10.65
C THR A 563 18.91 2.17 -9.52
N PRO A 564 19.82 1.21 -9.65
CA PRO A 564 20.08 0.27 -8.54
C PRO A 564 20.96 0.93 -7.49
N ILE A 565 20.99 0.28 -6.33
CA ILE A 565 21.81 0.77 -5.21
C ILE A 565 23.28 0.44 -5.48
N PRO A 566 24.19 1.39 -5.32
CA PRO A 566 25.62 1.08 -5.51
C PRO A 566 26.09 0.05 -4.49
N MET A 567 26.72 -1.01 -4.99
CA MET A 567 27.23 -2.08 -4.12
C MET A 567 28.36 -1.58 -3.24
#